data_8B95
#
_entry.id   8B95
#
_cell.length_a   60.643
_cell.length_b   86.066
_cell.length_c   121.009
_cell.angle_alpha   90.000
_cell.angle_beta   90.000
_cell.angle_gamma   90.000
#
_symmetry.space_group_name_H-M   'P 21 21 21'
#
loop_
_entity.id
_entity.type
_entity.pdbx_description
1 polymer 'Peroxisome proliferator-activated receptor gamma'
2 polymer 'Nuclear receptor corepressor 2'
3 non-polymer ~{N}1-[[3,4-bis(fluoranyl)phenyl]methyl]-4-chloranyl-6-fluoranyl-~{N}3-(3-methyl-5-morpholin-4-yl-pyridin-2-yl)benzene-1,3-dicarboxamide
4 water water
#
loop_
_entity_poly.entity_id
_entity_poly.type
_entity_poly.pdbx_seq_one_letter_code
_entity_poly.pdbx_strand_id
1 'polypeptide(L)'
;GSHMQLNPESADLRALAKHLYDSYIKSFPLTKAKARAILTGKTTDKSPFVIYDMNSLMMGEDKIKFKHITPLQEQSKEVA
IRIFQGCQFRSVEAVQEITEYAKSIPGFVNLDLNDQVTLLKYGVHEIIYTMLASLMNKDGVLISEGQGFMTREFLKSLRK
PFGDFMEPKFEFAVKFNALELDDSDLAIFIAVIILSGDRPGLLNVKPIEDIQDNLLQALELQLKLNHPESSQLFAKLLQK
MTDLRQIVTEHVQLLQVIKKTETDMSLHPLLQEIYKDLY
;
A,B
2 'polypeptide(L)' HASTNMGLEAIIRKALMGKYDQW C,D
#
# COMPACT_ATOMS: atom_id res chain seq x y z
N HIS A 3 -0.37 -26.12 9.65
CA HIS A 3 0.56 -27.18 10.11
C HIS A 3 1.86 -27.14 9.26
N MET A 4 2.89 -26.48 9.76
CA MET A 4 4.15 -26.25 9.01
C MET A 4 5.08 -27.48 9.11
N GLN A 5 5.68 -27.83 7.99
CA GLN A 5 6.60 -28.99 7.87
C GLN A 5 7.84 -28.52 7.11
N LEU A 6 8.97 -29.17 7.39
CA LEU A 6 10.24 -28.95 6.67
C LEU A 6 10.29 -29.97 5.54
N ASN A 7 9.91 -29.56 4.35
CA ASN A 7 9.69 -30.48 3.20
C ASN A 7 10.44 -29.88 2.03
N PRO A 8 10.53 -30.60 0.89
CA PRO A 8 11.28 -30.09 -0.24
C PRO A 8 10.82 -28.68 -0.66
N GLU A 9 9.52 -28.40 -0.60
CA GLU A 9 8.95 -27.08 -0.99
C GLU A 9 9.53 -25.99 -0.07
N SER A 10 9.47 -26.21 1.24
CA SER A 10 9.97 -25.21 2.24
C SER A 10 11.48 -25.05 2.04
N ALA A 11 12.23 -26.14 1.80
CA ALA A 11 13.70 -26.08 1.63
C ALA A 11 14.04 -25.20 0.43
N ASP A 12 13.28 -25.31 -0.64
CA ASP A 12 13.50 -24.50 -1.85
C ASP A 12 13.24 -23.02 -1.50
N LEU A 13 12.22 -22.74 -0.69
CA LEU A 13 11.92 -21.32 -0.32
C LEU A 13 13.02 -20.78 0.60
N ARG A 14 13.57 -21.60 1.50
CA ARG A 14 14.76 -21.19 2.30
C ARG A 14 15.99 -20.94 1.41
N ALA A 15 16.20 -21.77 0.37
CA ALA A 15 17.35 -21.58 -0.57
C ALA A 15 17.18 -20.28 -1.35
N LEU A 16 15.95 -19.95 -1.74
CA LEU A 16 15.65 -18.67 -2.41
C LEU A 16 15.95 -17.50 -1.44
N ALA A 17 15.47 -17.59 -0.22
CA ALA A 17 15.70 -16.53 0.80
C ALA A 17 17.22 -16.33 0.97
N LYS A 18 18.02 -17.40 1.01
CA LYS A 18 19.48 -17.32 1.23
C LYS A 18 20.15 -16.70 -0.01
N HIS A 19 19.72 -17.12 -1.21
CA HIS A 19 20.20 -16.55 -2.49
C HIS A 19 20.00 -15.03 -2.48
N LEU A 20 18.80 -14.58 -2.14
CA LEU A 20 18.49 -13.14 -2.11
C LEU A 20 19.33 -12.45 -1.05
N TYR A 21 19.44 -13.01 0.16
CA TYR A 21 20.21 -12.36 1.26
C TYR A 21 21.66 -12.14 0.78
N ASP A 22 22.25 -13.19 0.22
CA ASP A 22 23.66 -13.14 -0.24
C ASP A 22 23.83 -12.04 -1.26
N SER A 23 22.91 -11.95 -2.21
CA SER A 23 22.93 -10.95 -3.28
C SER A 23 22.68 -9.57 -2.71
N TYR A 24 21.77 -9.46 -1.75
CA TYR A 24 21.45 -8.18 -1.07
C TYR A 24 22.72 -7.60 -0.44
N ILE A 25 23.42 -8.38 0.37
CA ILE A 25 24.56 -7.82 1.13
C ILE A 25 25.76 -7.63 0.18
N LYS A 26 25.84 -8.35 -0.92
CA LYS A 26 26.81 -8.06 -1.99
C LYS A 26 26.56 -6.68 -2.62
N SER A 27 25.33 -6.37 -2.99
CA SER A 27 25.01 -5.11 -3.70
C SER A 27 24.99 -3.94 -2.70
N PHE A 28 24.65 -4.20 -1.44
CA PHE A 28 24.54 -3.13 -0.38
C PHE A 28 25.30 -3.56 0.89
N PRO A 29 26.61 -3.37 0.89
CA PRO A 29 27.44 -3.83 2.01
C PRO A 29 27.28 -3.03 3.33
N LEU A 30 26.80 -1.79 3.30
CA LEU A 30 26.28 -1.20 4.56
C LEU A 30 24.89 -1.81 4.85
N THR A 31 24.90 -2.95 5.51
CA THR A 31 23.71 -3.76 5.85
C THR A 31 22.98 -3.06 7.00
N LYS A 32 21.74 -3.45 7.23
CA LYS A 32 21.09 -2.96 8.47
C LYS A 32 21.90 -3.38 9.70
N ALA A 33 22.42 -4.63 9.76
CA ALA A 33 23.16 -5.13 10.93
C ALA A 33 24.30 -4.15 11.22
N LYS A 34 25.06 -3.79 10.20
CA LYS A 34 26.22 -2.89 10.37
C LYS A 34 25.75 -1.48 10.69
N ALA A 35 24.68 -1.01 10.05
CA ALA A 35 24.15 0.35 10.32
C ALA A 35 23.70 0.41 11.77
N ARG A 36 23.00 -0.61 12.29
CA ARG A 36 22.47 -0.60 13.67
C ARG A 36 23.64 -0.62 14.65
N ALA A 37 24.69 -1.39 14.35
CA ALA A 37 25.88 -1.44 15.20
C ALA A 37 26.48 -0.02 15.29
N ILE A 38 26.58 0.69 14.17
CA ILE A 38 27.14 2.08 14.14
C ILE A 38 26.24 2.96 14.99
N LEU A 39 24.92 2.95 14.72
CA LEU A 39 23.93 3.83 15.41
C LEU A 39 23.87 3.58 16.92
N THR A 40 24.09 2.36 17.41
CA THR A 40 23.98 2.00 18.85
C THR A 40 25.39 2.02 19.48
N GLY A 41 26.42 2.40 18.73
CA GLY A 41 27.78 2.51 19.26
C GLY A 41 28.37 1.15 19.55
N LYS A 42 27.78 0.08 19.02
CA LYS A 42 28.26 -1.33 19.28
C LYS A 42 29.13 -1.80 18.13
N THR A 43 30.11 -1.03 17.67
CA THR A 43 31.00 -1.42 16.54
C THR A 43 32.42 -1.00 16.89
N THR A 44 33.43 -1.69 16.36
CA THR A 44 34.83 -1.22 16.43
C THR A 44 35.17 -0.31 15.25
N ASP A 45 34.27 -0.14 14.27
CA ASP A 45 34.54 0.72 13.09
C ASP A 45 34.59 2.18 13.55
N LYS A 46 35.04 3.06 12.65
CA LYS A 46 35.22 4.51 12.91
C LYS A 46 33.86 5.11 13.30
N SER A 47 33.86 5.96 14.32
CA SER A 47 32.63 6.65 14.80
C SER A 47 32.28 7.74 13.80
N PRO A 48 31.03 7.78 13.30
CA PRO A 48 30.64 8.80 12.35
C PRO A 48 30.76 10.22 12.94
N PHE A 49 31.10 11.15 12.05
CA PHE A 49 31.07 12.61 12.30
C PHE A 49 29.62 13.06 12.28
N VAL A 50 29.16 13.79 13.30
CA VAL A 50 27.74 14.24 13.44
C VAL A 50 27.61 15.68 12.93
N ILE A 51 26.69 15.85 11.99
CA ILE A 51 26.26 17.16 11.49
C ILE A 51 24.94 17.48 12.17
N TYR A 52 24.94 18.45 13.08
CA TYR A 52 23.75 18.79 13.88
C TYR A 52 23.47 20.29 13.77
N ASP A 53 24.28 21.04 13.05
CA ASP A 53 24.05 22.50 12.86
C ASP A 53 24.94 23.03 11.72
N MET A 54 24.80 24.32 11.39
CA MET A 54 25.50 24.85 10.19
C MET A 54 27.02 24.75 10.39
N ASN A 55 27.54 25.02 11.59
CA ASN A 55 29.00 24.97 11.88
C ASN A 55 29.55 23.54 11.68
N SER A 56 28.84 22.53 12.17
CA SER A 56 29.32 21.14 12.10
C SER A 56 29.22 20.67 10.63
N LEU A 57 28.30 21.22 9.84
CA LEU A 57 28.18 20.89 8.40
C LEU A 57 29.45 21.39 7.70
N MET A 58 29.78 22.67 7.91
CA MET A 58 31.00 23.29 7.30
C MET A 58 32.22 22.45 7.71
N MET A 59 32.36 22.07 9.00
CA MET A 59 33.51 21.23 9.46
C MET A 59 33.42 19.83 8.85
N GLY A 60 32.20 19.40 8.50
CA GLY A 60 31.90 18.02 8.04
C GLY A 60 32.25 17.83 6.58
N GLU A 61 31.91 18.82 5.73
CA GLU A 61 32.26 18.88 4.29
C GLU A 61 33.73 18.48 4.12
N ASP A 62 34.59 18.88 5.07
CA ASP A 62 36.03 18.53 5.11
C ASP A 62 36.23 17.09 5.61
N LYS A 63 35.89 16.83 6.89
CA LYS A 63 36.28 15.60 7.67
C LYS A 63 35.61 14.35 7.08
N ILE A 64 34.31 14.40 6.83
CA ILE A 64 33.57 13.32 6.12
C ILE A 64 34.07 13.33 4.68
N LYS A 65 34.37 12.15 4.15
CA LYS A 65 34.95 11.99 2.80
C LYS A 65 33.89 11.36 1.87
N PHE A 66 33.20 12.23 1.14
CA PHE A 66 32.08 11.94 0.20
C PHE A 66 32.65 11.47 -1.14
N LYS A 67 31.98 10.55 -1.84
CA LYS A 67 32.37 10.09 -3.20
C LYS A 67 32.14 11.21 -4.23
N HIS A 68 31.20 12.12 -3.98
CA HIS A 68 30.87 13.27 -4.88
C HIS A 68 31.96 14.35 -4.71
N ILE A 69 32.07 15.28 -5.67
CA ILE A 69 33.13 16.33 -5.71
C ILE A 69 32.50 17.71 -5.94
N LYS A 77 26.64 27.04 -4.19
CA LYS A 77 26.94 28.24 -3.35
C LYS A 77 26.20 28.14 -2.00
N GLU A 78 25.04 27.48 -2.00
CA GLU A 78 24.05 27.51 -0.88
C GLU A 78 23.97 26.12 -0.22
N VAL A 79 23.99 26.09 1.11
CA VAL A 79 24.14 24.82 1.89
C VAL A 79 23.06 23.84 1.45
N ALA A 80 21.79 24.25 1.47
CA ALA A 80 20.63 23.39 1.18
C ALA A 80 20.80 22.75 -0.20
N ILE A 81 21.28 23.50 -1.18
CA ILE A 81 21.43 23.00 -2.58
C ILE A 81 22.59 21.99 -2.63
N ARG A 82 23.71 22.28 -1.94
CA ARG A 82 24.85 21.35 -1.89
C ARG A 82 24.39 20.04 -1.25
N ILE A 83 23.58 20.11 -0.18
CA ILE A 83 23.09 18.88 0.51
C ILE A 83 22.17 18.12 -0.44
N PHE A 84 21.20 18.82 -1.06
CA PHE A 84 20.27 18.20 -2.03
C PHE A 84 21.03 17.56 -3.19
N GLN A 85 22.12 18.19 -3.65
CA GLN A 85 22.95 17.67 -4.77
C GLN A 85 23.63 16.37 -4.33
N GLY A 86 24.19 16.31 -3.12
CA GLY A 86 24.74 15.06 -2.55
C GLY A 86 23.69 13.95 -2.49
N CYS A 87 22.48 14.32 -2.08
CA CYS A 87 21.32 13.38 -1.97
C CYS A 87 21.03 12.82 -3.37
N GLN A 88 20.92 13.68 -4.36
CA GLN A 88 20.73 13.32 -5.78
C GLN A 88 21.80 12.33 -6.29
N PHE A 89 23.09 12.61 -6.07
N PHE A 89 23.07 12.61 -6.05
CA PHE A 89 24.25 11.74 -6.44
CA PHE A 89 24.18 11.74 -6.50
C PHE A 89 24.04 10.35 -5.84
C PHE A 89 24.07 10.36 -5.84
N ARG A 90 23.74 10.30 -4.54
CA ARG A 90 23.63 9.00 -3.84
C ARG A 90 22.48 8.19 -4.47
N SER A 91 21.38 8.82 -4.86
CA SER A 91 20.22 8.11 -5.45
C SER A 91 20.61 7.54 -6.82
N VAL A 92 21.45 8.24 -7.58
CA VAL A 92 21.96 7.71 -8.89
C VAL A 92 22.76 6.45 -8.62
N GLU A 93 23.71 6.45 -7.68
CA GLU A 93 24.47 5.22 -7.35
C GLU A 93 23.51 4.12 -6.90
N ALA A 94 22.47 4.44 -6.11
CA ALA A 94 21.51 3.43 -5.58
C ALA A 94 20.76 2.76 -6.73
N VAL A 95 20.38 3.52 -7.75
CA VAL A 95 19.67 2.95 -8.95
C VAL A 95 20.53 1.84 -9.55
N GLN A 96 21.84 2.04 -9.68
CA GLN A 96 22.77 0.98 -10.18
C GLN A 96 22.83 -0.19 -9.19
N GLU A 97 22.94 0.08 -7.91
CA GLU A 97 23.01 -1.02 -6.90
C GLU A 97 21.70 -1.83 -6.97
N ILE A 98 20.54 -1.15 -7.00
CA ILE A 98 19.22 -1.84 -7.01
C ILE A 98 19.05 -2.63 -8.32
N THR A 99 19.48 -2.09 -9.45
CA THR A 99 19.45 -2.87 -10.72
C THR A 99 20.29 -4.15 -10.60
N GLU A 100 21.50 -4.05 -10.05
CA GLU A 100 22.42 -5.23 -9.86
C GLU A 100 21.73 -6.26 -8.97
N TYR A 101 21.06 -5.83 -7.88
CA TYR A 101 20.28 -6.77 -7.03
C TYR A 101 19.15 -7.43 -7.85
N ALA A 102 18.35 -6.63 -8.55
CA ALA A 102 17.22 -7.15 -9.38
C ALA A 102 17.71 -8.25 -10.34
N LYS A 103 18.87 -8.07 -10.95
CA LYS A 103 19.41 -9.10 -11.88
C LYS A 103 19.65 -10.43 -11.15
N SER A 104 19.89 -10.44 -9.84
CA SER A 104 20.08 -11.68 -9.07
C SER A 104 18.75 -12.38 -8.77
N ILE A 105 17.60 -11.73 -8.93
CA ILE A 105 16.33 -12.38 -8.50
C ILE A 105 16.03 -13.44 -9.57
N PRO A 106 15.90 -14.73 -9.21
CA PRO A 106 15.63 -15.78 -10.20
C PRO A 106 14.39 -15.52 -11.05
N GLY A 107 14.56 -15.50 -12.38
CA GLY A 107 13.46 -15.17 -13.30
C GLY A 107 13.58 -13.77 -13.86
N PHE A 108 14.10 -12.80 -13.12
CA PHE A 108 14.03 -11.38 -13.54
C PHE A 108 14.71 -11.13 -14.91
N VAL A 109 15.95 -11.56 -15.11
CA VAL A 109 16.66 -11.28 -16.41
C VAL A 109 16.02 -12.09 -17.56
N ASN A 110 15.21 -13.13 -17.29
CA ASN A 110 14.50 -13.87 -18.37
C ASN A 110 13.19 -13.17 -18.74
N LEU A 111 12.80 -12.08 -18.07
CA LEU A 111 11.66 -11.20 -18.51
C LEU A 111 12.06 -10.31 -19.71
N ASP A 112 11.06 -9.85 -20.44
CA ASP A 112 11.17 -8.84 -21.54
C ASP A 112 11.92 -7.62 -21.00
N LEU A 113 12.99 -7.22 -21.69
CA LEU A 113 13.90 -6.14 -21.24
C LEU A 113 13.08 -4.87 -20.92
N ASN A 114 12.10 -4.51 -21.75
CA ASN A 114 11.31 -3.28 -21.47
C ASN A 114 10.59 -3.45 -20.11
N ASP A 115 10.17 -4.68 -19.76
CA ASP A 115 9.45 -4.88 -18.48
C ASP A 115 10.48 -4.80 -17.34
N GLN A 116 11.66 -5.39 -17.51
CA GLN A 116 12.78 -5.20 -16.55
C GLN A 116 12.98 -3.69 -16.28
N VAL A 117 13.06 -2.86 -17.33
CA VAL A 117 13.29 -1.39 -17.17
C VAL A 117 12.09 -0.76 -16.44
N THR A 118 10.88 -1.21 -16.76
CA THR A 118 9.66 -0.62 -16.17
C THR A 118 9.61 -0.95 -14.67
N LEU A 119 9.87 -2.19 -14.31
CA LEU A 119 9.79 -2.61 -12.86
C LEU A 119 10.80 -1.75 -12.08
N LEU A 120 12.02 -1.60 -12.60
CA LEU A 120 13.07 -0.80 -11.91
C LEU A 120 12.67 0.66 -11.88
N LYS A 121 12.23 1.23 -12.99
CA LYS A 121 11.87 2.65 -13.07
C LYS A 121 10.83 2.97 -11.95
N TYR A 122 9.77 2.17 -11.82
CA TYR A 122 8.66 2.50 -10.87
C TYR A 122 8.97 1.96 -9.47
N GLY A 123 10.02 1.16 -9.32
CA GLY A 123 10.33 0.48 -8.04
C GLY A 123 11.46 1.16 -7.25
N VAL A 124 12.37 1.84 -7.91
CA VAL A 124 13.65 2.20 -7.23
C VAL A 124 13.38 3.13 -6.03
N HIS A 125 12.49 4.11 -6.14
CA HIS A 125 12.22 5.02 -5.00
C HIS A 125 11.63 4.23 -3.81
N GLU A 126 10.70 3.32 -4.01
CA GLU A 126 10.14 2.53 -2.90
C GLU A 126 11.29 1.78 -2.22
N ILE A 127 12.22 1.28 -3.02
CA ILE A 127 13.34 0.48 -2.45
C ILE A 127 14.32 1.41 -1.74
N ILE A 128 14.62 2.58 -2.32
CA ILE A 128 15.51 3.57 -1.66
C ILE A 128 14.95 3.85 -0.27
N TYR A 129 13.65 4.16 -0.11
CA TYR A 129 13.12 4.60 1.21
C TYR A 129 12.95 3.43 2.17
N THR A 130 12.72 2.23 1.69
CA THR A 130 12.83 0.98 2.50
C THR A 130 14.26 0.87 3.07
N MET A 131 15.27 0.93 2.21
CA MET A 131 16.68 0.72 2.63
C MET A 131 17.16 1.89 3.50
N LEU A 132 16.75 3.13 3.19
CA LEU A 132 17.09 4.30 4.02
C LEU A 132 16.66 4.13 5.47
N ALA A 133 15.53 3.46 5.75
CA ALA A 133 15.05 3.25 7.13
C ALA A 133 16.13 2.51 7.92
N SER A 134 16.87 1.61 7.26
CA SER A 134 17.96 0.81 7.92
C SER A 134 18.99 1.75 8.51
N LEU A 135 19.17 2.91 7.89
CA LEU A 135 20.21 3.91 8.20
C LEU A 135 19.68 4.99 9.15
N MET A 136 18.40 4.94 9.49
CA MET A 136 17.76 6.05 10.23
C MET A 136 17.43 5.61 11.65
N ASN A 137 17.49 6.58 12.57
CA ASN A 137 16.81 6.44 13.87
C ASN A 137 16.04 7.74 14.14
N LYS A 138 15.49 7.90 15.33
CA LYS A 138 14.65 9.11 15.58
C LYS A 138 15.50 10.39 15.56
N ASP A 139 16.82 10.30 15.75
CA ASP A 139 17.77 11.45 15.77
C ASP A 139 18.23 11.87 14.39
N GLY A 140 18.36 10.97 13.42
CA GLY A 140 19.07 11.30 12.17
C GLY A 140 19.37 10.11 11.29
N VAL A 141 20.22 10.35 10.32
CA VAL A 141 20.46 9.41 9.20
C VAL A 141 21.97 9.29 8.97
N LEU A 142 22.43 8.05 8.77
CA LEU A 142 23.83 7.79 8.35
C LEU A 142 23.97 8.16 6.88
N ILE A 143 25.06 8.83 6.57
CA ILE A 143 25.40 9.31 5.22
C ILE A 143 26.84 8.87 4.92
N SER A 144 27.18 8.90 3.63
N SER A 144 27.21 8.97 3.64
CA SER A 144 28.54 8.60 3.13
CA SER A 144 28.53 8.60 3.07
C SER A 144 28.99 7.25 3.66
C SER A 144 28.99 7.27 3.65
N GLU A 145 28.17 6.22 3.46
CA GLU A 145 28.45 4.82 3.88
C GLU A 145 28.92 4.77 5.33
N GLY A 146 28.23 5.45 6.24
CA GLY A 146 28.45 5.27 7.69
C GLY A 146 29.46 6.23 8.27
N GLN A 147 30.05 7.09 7.44
CA GLN A 147 31.15 8.00 7.88
C GLN A 147 30.58 9.25 8.54
N GLY A 148 29.32 9.57 8.22
CA GLY A 148 28.64 10.77 8.73
C GLY A 148 27.27 10.41 9.28
N PHE A 149 26.74 11.28 10.13
CA PHE A 149 25.37 11.18 10.65
C PHE A 149 24.77 12.58 10.64
N MET A 150 23.71 12.77 9.87
CA MET A 150 23.09 14.10 9.74
C MET A 150 21.81 14.09 10.55
N THR A 151 21.60 15.06 11.45
CA THR A 151 20.43 14.99 12.33
C THR A 151 19.15 15.30 11.54
N ARG A 152 18.04 14.80 12.08
CA ARG A 152 16.67 14.95 11.51
C ARG A 152 16.26 16.43 11.66
N GLU A 153 16.59 17.03 12.80
CA GLU A 153 16.24 18.44 13.06
C GLU A 153 17.12 19.38 12.22
N PHE A 154 18.39 19.05 11.98
CA PHE A 154 19.22 19.87 11.09
C PHE A 154 18.60 19.85 9.68
N LEU A 155 18.20 18.69 9.18
CA LEU A 155 17.56 18.60 7.84
C LEU A 155 16.25 19.41 7.83
N LYS A 156 15.45 19.36 8.89
CA LYS A 156 14.17 20.12 8.96
C LYS A 156 14.47 21.62 8.96
N SER A 157 15.66 22.05 9.40
CA SER A 157 16.03 23.47 9.52
C SER A 157 16.43 24.05 8.17
N LEU A 158 16.62 23.23 7.13
CA LEU A 158 17.01 23.71 5.79
C LEU A 158 15.84 24.54 5.23
N ARG A 159 16.13 25.58 4.46
CA ARG A 159 15.04 26.49 4.01
C ARG A 159 14.07 25.70 3.13
N LYS A 160 12.83 26.17 3.02
CA LYS A 160 11.80 25.61 2.10
C LYS A 160 12.35 25.68 0.68
N PRO A 161 12.15 24.65 -0.19
CA PRO A 161 11.38 23.44 0.09
C PRO A 161 12.20 22.25 0.62
N PHE A 162 13.48 22.47 0.91
CA PHE A 162 14.44 21.38 1.27
C PHE A 162 14.19 20.86 2.69
N GLY A 163 13.73 21.72 3.60
CA GLY A 163 13.43 21.40 5.02
C GLY A 163 12.47 20.24 5.17
N ASP A 164 11.51 20.09 4.25
CA ASP A 164 10.39 19.13 4.31
C ASP A 164 10.67 17.93 3.39
N PHE A 165 11.84 17.86 2.75
CA PHE A 165 12.15 16.81 1.75
C PHE A 165 12.30 15.44 2.43
N MET A 166 13.14 15.34 3.46
CA MET A 166 13.45 14.01 4.04
C MET A 166 12.47 13.69 5.20
N GLU A 167 11.74 14.65 5.76
CA GLU A 167 10.95 14.40 7.00
C GLU A 167 9.91 13.30 6.78
N PRO A 168 9.17 13.21 5.64
CA PRO A 168 8.23 12.11 5.46
C PRO A 168 8.94 10.74 5.47
N LYS A 169 10.21 10.68 5.05
CA LYS A 169 10.98 9.40 5.04
C LYS A 169 11.34 8.99 6.47
N PHE A 170 11.67 9.96 7.32
CA PHE A 170 11.85 9.72 8.77
C PHE A 170 10.58 9.16 9.37
N GLU A 171 9.45 9.75 9.05
CA GLU A 171 8.15 9.37 9.65
C GLU A 171 7.87 7.91 9.31
N PHE A 172 8.09 7.54 8.05
CA PHE A 172 7.91 6.17 7.55
C PHE A 172 8.89 5.26 8.31
N ALA A 173 10.13 5.70 8.45
CA ALA A 173 11.24 4.83 8.97
C ALA A 173 11.00 4.51 10.44
N VAL A 174 10.54 5.48 11.25
CA VAL A 174 10.37 5.20 12.71
C VAL A 174 9.31 4.14 12.90
N LYS A 175 8.22 4.16 12.15
CA LYS A 175 7.20 3.09 12.22
C LYS A 175 7.72 1.80 11.58
N PHE A 176 8.41 1.90 10.44
CA PHE A 176 8.94 0.68 9.75
C PHE A 176 9.96 -0.03 10.63
N ASN A 177 10.87 0.74 11.24
CA ASN A 177 11.91 0.15 12.10
C ASN A 177 11.33 -0.49 13.35
N ALA A 178 10.14 -0.08 13.82
CA ALA A 178 9.53 -0.71 15.00
C ALA A 178 9.12 -2.15 14.64
N LEU A 179 9.07 -2.54 13.37
CA LEU A 179 8.79 -3.96 12.99
C LEU A 179 10.03 -4.85 13.23
N GLU A 180 11.22 -4.26 13.42
CA GLU A 180 12.47 -4.96 13.77
C GLU A 180 12.84 -5.99 12.69
N LEU A 181 12.66 -5.65 11.43
CA LEU A 181 13.07 -6.56 10.34
C LEU A 181 14.58 -6.62 10.30
N ASP A 182 15.09 -7.74 9.82
CA ASP A 182 16.55 -7.88 9.60
C ASP A 182 16.80 -7.96 8.10
N ASP A 183 18.08 -8.05 7.74
CA ASP A 183 18.54 -8.08 6.34
C ASP A 183 17.91 -9.26 5.59
N SER A 184 17.77 -10.42 6.22
CA SER A 184 17.17 -11.62 5.61
C SER A 184 15.72 -11.37 5.24
N ASP A 185 15.01 -10.65 6.11
CA ASP A 185 13.61 -10.24 5.82
C ASP A 185 13.60 -9.22 4.69
N LEU A 186 14.40 -8.16 4.79
CA LEU A 186 14.43 -7.03 3.84
C LEU A 186 14.82 -7.48 2.44
N ALA A 187 15.77 -8.41 2.32
CA ALA A 187 16.18 -8.86 0.97
C ALA A 187 14.94 -9.36 0.21
N ILE A 188 14.09 -10.14 0.85
CA ILE A 188 12.89 -10.75 0.16
C ILE A 188 11.85 -9.64 -0.05
N PHE A 189 11.61 -8.79 0.97
CA PHE A 189 10.67 -7.67 0.92
C PHE A 189 10.96 -6.79 -0.30
N ILE A 190 12.23 -6.45 -0.52
CA ILE A 190 12.64 -5.59 -1.66
C ILE A 190 12.39 -6.36 -2.98
N ALA A 191 12.70 -7.65 -3.04
CA ALA A 191 12.42 -8.45 -4.27
C ALA A 191 10.91 -8.42 -4.57
N VAL A 192 10.07 -8.61 -3.56
CA VAL A 192 8.59 -8.53 -3.72
C VAL A 192 8.22 -7.18 -4.34
N ILE A 193 8.73 -6.05 -3.82
CA ILE A 193 8.42 -4.69 -4.37
C ILE A 193 8.87 -4.59 -5.86
N ILE A 194 10.05 -5.10 -6.19
CA ILE A 194 10.56 -5.04 -7.60
C ILE A 194 9.60 -5.83 -8.52
N LEU A 195 9.12 -7.01 -8.12
CA LEU A 195 8.26 -7.87 -8.99
C LEU A 195 6.78 -7.51 -8.80
N SER A 196 6.43 -6.22 -8.93
CA SER A 196 5.04 -5.71 -8.86
C SER A 196 4.42 -5.74 -10.27
N GLY A 197 3.38 -6.56 -10.48
CA GLY A 197 2.71 -6.75 -11.78
C GLY A 197 1.74 -5.62 -12.10
N ASP A 198 1.61 -4.62 -11.24
CA ASP A 198 0.64 -3.50 -11.38
C ASP A 198 1.38 -2.22 -11.82
N ARG A 199 2.64 -2.31 -12.20
CA ARG A 199 3.38 -1.12 -12.70
C ARG A 199 2.76 -0.71 -14.04
N PRO A 200 2.61 0.61 -14.32
CA PRO A 200 2.17 1.07 -15.64
C PRO A 200 3.02 0.58 -16.82
N GLY A 201 2.37 0.15 -17.91
CA GLY A 201 3.01 -0.08 -19.22
C GLY A 201 3.76 -1.39 -19.28
N LEU A 202 3.49 -2.33 -18.38
CA LEU A 202 4.08 -3.69 -18.50
C LEU A 202 3.43 -4.41 -19.68
N LEU A 203 4.21 -5.15 -20.46
CA LEU A 203 3.75 -5.93 -21.64
C LEU A 203 3.21 -7.29 -21.18
N ASN A 204 3.91 -7.96 -20.26
CA ASN A 204 3.64 -9.38 -19.92
C ASN A 204 3.59 -9.54 -18.40
N VAL A 205 2.40 -9.37 -17.83
CA VAL A 205 2.17 -9.30 -16.36
C VAL A 205 2.27 -10.69 -15.73
N LYS A 206 1.67 -11.71 -16.33
CA LYS A 206 1.57 -13.07 -15.72
C LYS A 206 2.94 -13.55 -15.24
N PRO A 207 4.00 -13.58 -16.06
CA PRO A 207 5.29 -14.11 -15.60
C PRO A 207 5.87 -13.29 -14.42
N ILE A 208 5.49 -12.03 -14.31
CA ILE A 208 5.93 -11.17 -13.15
C ILE A 208 5.17 -11.58 -11.88
N GLU A 209 3.85 -11.73 -11.99
CA GLU A 209 3.00 -12.21 -10.87
C GLU A 209 3.46 -13.61 -10.43
N ASP A 210 3.89 -14.47 -11.35
CA ASP A 210 4.36 -15.83 -11.01
C ASP A 210 5.61 -15.71 -10.12
N ILE A 211 6.55 -14.84 -10.49
CA ILE A 211 7.80 -14.72 -9.70
C ILE A 211 7.41 -14.11 -8.35
N GLN A 212 6.57 -13.08 -8.39
CA GLN A 212 6.15 -12.39 -7.14
C GLN A 212 5.47 -13.37 -6.18
N ASP A 213 4.64 -14.28 -6.68
N ASP A 213 4.64 -14.30 -6.68
CA ASP A 213 3.95 -15.29 -5.86
CA ASP A 213 3.93 -15.30 -5.84
C ASP A 213 4.99 -16.13 -5.12
C ASP A 213 4.96 -16.19 -5.12
N ASN A 214 6.04 -16.56 -5.80
CA ASN A 214 7.09 -17.42 -5.20
C ASN A 214 7.84 -16.59 -4.15
N LEU A 215 8.09 -15.31 -4.44
CA LEU A 215 8.76 -14.42 -3.47
C LEU A 215 7.84 -14.21 -2.25
N LEU A 216 6.56 -14.00 -2.45
CA LEU A 216 5.58 -13.87 -1.32
C LEU A 216 5.61 -15.14 -0.48
N GLN A 217 5.67 -16.34 -1.09
CA GLN A 217 5.75 -17.57 -0.28
C GLN A 217 7.03 -17.56 0.53
N ALA A 218 8.13 -17.14 -0.07
CA ALA A 218 9.43 -17.12 0.62
C ALA A 218 9.39 -16.11 1.79
N LEU A 219 8.80 -14.93 1.55
CA LEU A 219 8.70 -13.86 2.58
C LEU A 219 7.87 -14.40 3.74
N GLU A 220 6.73 -15.03 3.47
CA GLU A 220 5.81 -15.50 4.52
C GLU A 220 6.54 -16.50 5.41
N LEU A 221 7.26 -17.42 4.79
CA LEU A 221 8.00 -18.44 5.55
C LEU A 221 9.13 -17.76 6.35
N GLN A 222 9.91 -16.86 5.73
CA GLN A 222 11.00 -16.16 6.43
C GLN A 222 10.46 -15.50 7.71
N LEU A 223 9.33 -14.83 7.59
CA LEU A 223 8.79 -14.04 8.72
C LEU A 223 8.27 -14.96 9.81
N LYS A 224 7.71 -16.12 9.45
CA LYS A 224 7.21 -17.09 10.44
C LYS A 224 8.41 -17.66 11.22
N LEU A 225 9.50 -17.99 10.54
CA LEU A 225 10.66 -18.59 11.20
C LEU A 225 11.36 -17.52 12.04
N ASN A 226 11.35 -16.28 11.59
CA ASN A 226 12.28 -15.27 12.12
C ASN A 226 11.56 -14.42 13.21
N HIS A 227 10.24 -14.41 13.23
CA HIS A 227 9.43 -13.50 14.09
C HIS A 227 8.35 -14.27 14.84
N PRO A 228 8.76 -15.05 15.85
CA PRO A 228 7.83 -15.93 16.55
C PRO A 228 6.73 -15.14 17.31
N GLU A 229 6.96 -13.87 17.66
CA GLU A 229 6.00 -13.11 18.52
C GLU A 229 5.21 -12.07 17.72
N SER A 230 5.28 -12.10 16.39
CA SER A 230 4.49 -11.19 15.53
C SER A 230 3.70 -11.99 14.49
N SER A 231 2.52 -12.53 14.82
CA SER A 231 1.83 -13.56 13.97
C SER A 231 1.33 -12.96 12.65
N GLN A 232 1.01 -11.64 12.61
CA GLN A 232 0.48 -11.00 11.38
C GLN A 232 1.53 -10.05 10.78
N LEU A 233 2.82 -10.32 10.96
CA LEU A 233 3.88 -9.42 10.43
C LEU A 233 3.81 -9.38 8.90
N PHE A 234 3.53 -10.52 8.25
CA PHE A 234 3.41 -10.63 6.79
C PHE A 234 2.38 -9.60 6.32
N ALA A 235 1.19 -9.60 6.92
CA ALA A 235 0.12 -8.65 6.57
C ALA A 235 0.63 -7.23 6.82
N LYS A 236 1.31 -6.98 7.94
CA LYS A 236 1.79 -5.62 8.29
C LYS A 236 2.81 -5.17 7.23
N LEU A 237 3.69 -6.06 6.77
CA LEU A 237 4.63 -5.72 5.67
C LEU A 237 3.93 -5.40 4.36
N LEU A 238 2.90 -6.15 3.95
CA LEU A 238 2.16 -5.81 2.71
C LEU A 238 1.50 -4.42 2.90
N GLN A 239 1.02 -4.13 4.11
CA GLN A 239 0.42 -2.77 4.40
C GLN A 239 1.49 -1.70 4.18
N LYS A 240 2.73 -1.96 4.57
CA LYS A 240 3.85 -0.98 4.35
C LYS A 240 4.13 -0.79 2.86
N MET A 241 4.11 -1.88 2.07
CA MET A 241 4.32 -1.82 0.58
C MET A 241 3.26 -0.88 0.01
N THR A 242 2.02 -1.02 0.47
CA THR A 242 0.94 -0.07 0.12
C THR A 242 1.35 1.35 0.52
N ASP A 243 1.82 1.57 1.75
CA ASP A 243 2.20 2.94 2.24
C ASP A 243 3.42 3.50 1.48
N LEU A 244 4.35 2.65 1.07
CA LEU A 244 5.51 3.17 0.28
C LEU A 244 5.02 3.82 -1.02
N ARG A 245 4.00 3.28 -1.68
CA ARG A 245 3.39 3.83 -2.94
C ARG A 245 3.07 5.30 -2.71
N GLN A 246 2.43 5.59 -1.58
CA GLN A 246 2.03 6.96 -1.16
C GLN A 246 3.26 7.83 -0.95
N ILE A 247 4.24 7.33 -0.21
CA ILE A 247 5.50 8.09 0.08
C ILE A 247 6.10 8.52 -1.27
N VAL A 248 6.09 7.64 -2.25
CA VAL A 248 6.82 7.90 -3.53
C VAL A 248 6.00 8.88 -4.38
N THR A 249 4.67 8.82 -4.29
CA THR A 249 3.78 9.76 -5.03
C THR A 249 4.11 11.16 -4.56
N GLU A 250 4.09 11.37 -3.24
CA GLU A 250 4.45 12.64 -2.55
C GLU A 250 5.88 13.05 -2.93
N HIS A 251 6.84 12.12 -2.95
CA HIS A 251 8.26 12.41 -3.24
C HIS A 251 8.41 12.97 -4.68
N VAL A 252 7.79 12.33 -5.65
CA VAL A 252 7.88 12.79 -7.07
C VAL A 252 7.26 14.18 -7.18
N GLN A 253 6.24 14.51 -6.38
CA GLN A 253 5.63 15.88 -6.34
C GLN A 253 6.66 16.89 -5.86
N LEU A 254 7.36 16.60 -4.74
CA LEU A 254 8.38 17.53 -4.18
C LEU A 254 9.47 17.72 -5.23
N LEU A 255 9.83 16.65 -5.95
CA LEU A 255 10.92 16.69 -6.95
C LEU A 255 10.53 17.64 -8.11
N GLN A 256 9.24 17.74 -8.42
CA GLN A 256 8.74 18.64 -9.51
C GLN A 256 8.83 20.08 -9.02
N VAL A 257 8.30 20.37 -7.83
CA VAL A 257 8.33 21.73 -7.21
C VAL A 257 9.75 22.26 -7.29
N ILE A 258 10.72 21.48 -6.80
CA ILE A 258 12.18 21.80 -6.76
C ILE A 258 12.67 22.06 -8.19
N LYS A 259 12.31 21.21 -9.15
CA LYS A 259 12.78 21.33 -10.56
C LYS A 259 12.22 22.61 -11.20
N LYS A 260 11.01 23.05 -10.81
CA LYS A 260 10.33 24.21 -11.44
C LYS A 260 10.64 25.50 -10.66
N THR A 261 11.30 25.44 -9.49
CA THR A 261 11.43 26.59 -8.55
C THR A 261 12.89 26.90 -8.18
N GLU A 262 13.86 26.03 -8.48
CA GLU A 262 15.25 26.18 -8.00
C GLU A 262 16.22 26.23 -9.18
N SER A 266 23.73 20.94 -11.93
CA SER A 266 24.64 19.94 -12.54
C SER A 266 24.38 18.58 -11.89
N LEU A 267 24.43 17.50 -12.67
CA LEU A 267 24.08 16.14 -12.16
C LEU A 267 25.25 15.17 -12.34
N HIS A 268 25.14 14.02 -11.69
CA HIS A 268 26.07 12.87 -11.72
C HIS A 268 26.79 12.83 -13.06
N PRO A 269 28.13 12.72 -13.04
CA PRO A 269 28.91 12.57 -14.27
C PRO A 269 28.63 11.29 -15.07
N LEU A 270 27.88 10.34 -14.48
CA LEU A 270 27.39 9.10 -15.14
C LEU A 270 26.27 9.45 -16.13
N LEU A 271 25.54 10.52 -15.88
CA LEU A 271 24.49 11.04 -16.80
C LEU A 271 25.16 11.84 -17.94
N GLN A 272 26.30 12.49 -17.68
CA GLN A 272 27.05 13.32 -18.66
C GLN A 272 28.03 12.45 -19.46
N GLN B 5 -8.61 -31.06 12.18
CA GLN B 5 -9.20 -30.82 13.53
C GLN B 5 -8.67 -29.48 14.10
N LEU B 6 -9.46 -28.41 14.01
CA LEU B 6 -9.11 -27.05 14.50
C LEU B 6 -8.94 -27.08 16.03
N ASN B 7 -7.92 -26.38 16.55
CA ASN B 7 -7.72 -26.18 18.03
C ASN B 7 -8.65 -25.05 18.50
N PRO B 8 -8.78 -24.82 19.84
CA PRO B 8 -9.59 -23.72 20.36
C PRO B 8 -9.27 -22.35 19.72
N GLU B 9 -8.00 -22.00 19.44
CA GLU B 9 -7.65 -20.70 18.79
C GLU B 9 -8.33 -20.61 17.40
N SER B 10 -8.17 -21.62 16.56
CA SER B 10 -8.78 -21.68 15.20
C SER B 10 -10.30 -21.71 15.30
N ALA B 11 -10.84 -22.48 16.25
CA ALA B 11 -12.30 -22.57 16.45
C ALA B 11 -12.85 -21.16 16.71
N ASP B 12 -12.16 -20.36 17.53
CA ASP B 12 -12.65 -19.00 17.87
C ASP B 12 -12.58 -18.09 16.64
N LEU B 13 -11.57 -18.24 15.80
CA LEU B 13 -11.42 -17.47 14.52
C LEU B 13 -12.57 -17.83 13.57
N ARG B 14 -13.03 -19.08 13.55
CA ARG B 14 -14.21 -19.45 12.72
C ARG B 14 -15.49 -18.83 13.28
N ALA B 15 -15.66 -18.81 14.61
CA ALA B 15 -16.84 -18.19 15.27
C ALA B 15 -16.82 -16.68 14.97
N LEU B 16 -15.64 -16.06 14.98
CA LEU B 16 -15.54 -14.61 14.65
C LEU B 16 -15.98 -14.36 13.20
N ALA B 17 -15.47 -15.15 12.26
CA ALA B 17 -15.80 -15.06 10.82
C ALA B 17 -17.31 -15.20 10.63
N LYS B 18 -17.93 -16.19 11.28
CA LYS B 18 -19.39 -16.43 11.17
C LYS B 18 -20.15 -15.25 11.78
N HIS B 19 -19.73 -14.76 12.95
CA HIS B 19 -20.38 -13.59 13.60
C HIS B 19 -20.40 -12.40 12.61
N LEU B 20 -19.26 -12.13 11.99
CA LEU B 20 -19.16 -11.00 11.02
C LEU B 20 -20.00 -11.26 9.77
N TYR B 21 -20.01 -12.48 9.24
CA TYR B 21 -20.83 -12.81 8.05
C TYR B 21 -22.29 -12.46 8.37
N ASP B 22 -22.81 -12.97 9.47
CA ASP B 22 -24.23 -12.81 9.86
C ASP B 22 -24.55 -11.33 9.96
N SER B 23 -23.66 -10.56 10.58
CA SER B 23 -23.84 -9.12 10.79
C SER B 23 -23.78 -8.39 9.45
N TYR B 24 -22.84 -8.78 8.59
CA TYR B 24 -22.65 -8.19 7.24
C TYR B 24 -23.94 -8.38 6.42
N ILE B 25 -24.49 -9.60 6.34
CA ILE B 25 -25.63 -9.81 5.41
C ILE B 25 -26.92 -9.19 6.02
N LYS B 26 -26.93 -8.95 7.34
CA LYS B 26 -28.01 -8.21 8.06
C LYS B 26 -27.93 -6.73 7.71
N SER B 27 -26.76 -6.08 7.75
CA SER B 27 -26.59 -4.66 7.38
C SER B 27 -26.78 -4.47 5.87
N PHE B 28 -26.35 -5.43 5.05
CA PHE B 28 -26.31 -5.32 3.56
C PHE B 28 -26.99 -6.52 2.90
N PRO B 29 -28.34 -6.54 2.90
CA PRO B 29 -29.12 -7.67 2.40
C PRO B 29 -28.96 -8.04 0.92
N LEU B 30 -28.73 -7.04 0.05
CA LEU B 30 -28.27 -7.31 -1.34
C LEU B 30 -26.81 -7.79 -1.28
N THR B 31 -26.62 -9.09 -1.09
CA THR B 31 -25.31 -9.74 -0.92
C THR B 31 -24.66 -9.87 -2.29
N LYS B 32 -23.37 -10.17 -2.33
CA LYS B 32 -22.68 -10.49 -3.59
C LYS B 32 -23.38 -11.73 -4.22
N ALA B 33 -23.73 -12.73 -3.42
CA ALA B 33 -24.42 -13.95 -3.92
C ALA B 33 -25.66 -13.52 -4.72
N LYS B 34 -26.52 -12.70 -4.13
CA LYS B 34 -27.81 -12.25 -4.75
C LYS B 34 -27.47 -11.41 -5.97
N ALA B 35 -26.46 -10.55 -5.88
CA ALA B 35 -26.10 -9.65 -7.00
C ALA B 35 -25.62 -10.49 -8.17
N ARG B 36 -24.74 -11.45 -7.89
CA ARG B 36 -24.14 -12.34 -8.92
C ARG B 36 -25.28 -13.11 -9.62
N ALA B 37 -26.29 -13.53 -8.87
CA ALA B 37 -27.43 -14.31 -9.39
C ALA B 37 -28.22 -13.42 -10.36
N ILE B 38 -28.45 -12.16 -9.97
CA ILE B 38 -29.18 -11.19 -10.83
C ILE B 38 -28.37 -10.97 -12.11
N LEU B 39 -27.06 -10.78 -12.00
CA LEU B 39 -26.18 -10.34 -13.12
C LEU B 39 -26.08 -11.45 -14.17
N THR B 40 -26.02 -12.71 -13.76
CA THR B 40 -25.92 -13.89 -14.65
C THR B 40 -27.34 -14.44 -14.95
N GLY B 41 -28.39 -13.70 -14.59
CA GLY B 41 -29.80 -14.01 -14.91
C GLY B 41 -30.25 -15.34 -14.34
N LYS B 42 -30.12 -15.55 -13.03
CA LYS B 42 -30.39 -16.85 -12.37
C LYS B 42 -31.41 -16.67 -11.24
N THR B 43 -32.49 -15.92 -11.49
CA THR B 43 -33.63 -15.72 -10.53
C THR B 43 -34.95 -15.94 -11.29
N SER B 47 -35.73 -9.42 -12.72
CA SER B 47 -34.74 -9.26 -13.83
C SER B 47 -34.58 -7.79 -14.23
N PRO B 48 -33.39 -7.20 -14.04
CA PRO B 48 -33.27 -5.74 -13.98
C PRO B 48 -33.62 -5.00 -15.28
N PHE B 49 -34.22 -3.83 -15.12
CA PHE B 49 -34.42 -2.83 -16.20
C PHE B 49 -33.05 -2.24 -16.58
N VAL B 50 -32.67 -2.33 -17.85
CA VAL B 50 -31.33 -1.89 -18.33
C VAL B 50 -31.41 -0.40 -18.71
N ILE B 51 -30.57 0.44 -18.09
CA ILE B 51 -30.42 1.88 -18.45
C ILE B 51 -29.19 2.03 -19.32
N TYR B 52 -29.44 2.17 -20.62
CA TYR B 52 -28.50 2.17 -21.77
C TYR B 52 -28.23 3.60 -22.23
N ASP B 53 -29.12 4.53 -21.94
CA ASP B 53 -29.14 5.87 -22.57
C ASP B 53 -30.21 6.73 -21.87
N MET B 54 -30.36 7.96 -22.36
CA MET B 54 -31.27 8.98 -21.77
C MET B 54 -32.73 8.52 -21.91
N ASN B 55 -33.08 7.91 -23.04
CA ASN B 55 -34.45 7.39 -23.28
C ASN B 55 -34.78 6.35 -22.19
N SER B 56 -33.97 5.30 -22.05
CA SER B 56 -34.20 4.20 -21.09
C SER B 56 -34.20 4.73 -19.64
N LEU B 57 -33.43 5.78 -19.35
CA LEU B 57 -33.39 6.39 -17.99
C LEU B 57 -34.77 6.99 -17.69
N MET B 58 -35.30 7.81 -18.60
CA MET B 58 -36.66 8.40 -18.52
C MET B 58 -37.65 7.26 -18.22
N MET B 59 -37.71 6.25 -19.10
CA MET B 59 -38.54 5.02 -18.91
C MET B 59 -38.34 4.50 -17.49
N GLY B 60 -37.10 4.21 -17.10
CA GLY B 60 -36.76 3.66 -15.78
C GLY B 60 -37.07 4.65 -14.66
N LYS B 77 -32.42 18.87 -11.71
CA LYS B 77 -32.93 19.18 -13.08
C LYS B 77 -32.11 18.41 -14.12
N GLU B 78 -30.90 18.88 -14.44
CA GLU B 78 -30.00 18.29 -15.47
C GLU B 78 -29.67 16.84 -15.06
N VAL B 79 -29.78 15.88 -15.99
CA VAL B 79 -29.71 14.42 -15.67
C VAL B 79 -28.43 14.07 -14.89
N ALA B 80 -27.27 14.58 -15.30
CA ALA B 80 -25.96 14.26 -14.66
C ALA B 80 -26.06 14.64 -13.18
N ILE B 81 -26.64 15.80 -12.88
CA ILE B 81 -26.76 16.32 -11.51
C ILE B 81 -27.71 15.42 -10.72
N ARG B 82 -28.83 15.04 -11.32
CA ARG B 82 -29.83 14.20 -10.61
C ARG B 82 -29.19 12.85 -10.29
N ILE B 83 -28.51 12.25 -11.24
CA ILE B 83 -27.78 10.95 -10.99
C ILE B 83 -26.75 11.18 -9.87
N PHE B 84 -26.01 12.29 -9.91
CA PHE B 84 -24.98 12.61 -8.87
C PHE B 84 -25.66 12.71 -7.50
N GLN B 85 -26.80 13.38 -7.41
CA GLN B 85 -27.51 13.58 -6.13
C GLN B 85 -27.99 12.21 -5.61
N GLY B 86 -28.50 11.36 -6.49
CA GLY B 86 -28.90 9.98 -6.14
C GLY B 86 -27.69 9.23 -5.61
N CYS B 87 -26.56 9.33 -6.31
CA CYS B 87 -25.27 8.73 -5.87
C CYS B 87 -24.95 9.21 -4.44
N GLN B 88 -25.08 10.52 -4.20
CA GLN B 88 -24.77 11.18 -2.91
C GLN B 88 -25.71 10.65 -1.79
N PHE B 89 -27.03 10.62 -2.04
CA PHE B 89 -28.05 10.11 -1.08
C PHE B 89 -27.73 8.65 -0.77
N ARG B 90 -27.38 7.85 -1.78
CA ARG B 90 -27.06 6.42 -1.49
C ARG B 90 -25.84 6.33 -0.55
N SER B 91 -24.82 7.16 -0.73
CA SER B 91 -23.57 7.15 0.07
C SER B 91 -23.89 7.52 1.54
N VAL B 92 -24.80 8.46 1.80
CA VAL B 92 -25.19 8.82 3.21
C VAL B 92 -25.85 7.60 3.85
N GLU B 93 -26.74 6.92 3.12
CA GLU B 93 -27.39 5.68 3.58
C GLU B 93 -26.30 4.65 3.94
N ALA B 94 -25.33 4.44 3.05
CA ALA B 94 -24.23 3.47 3.23
C ALA B 94 -23.41 3.83 4.46
N VAL B 95 -23.15 5.12 4.71
CA VAL B 95 -22.39 5.51 5.93
C VAL B 95 -23.15 4.97 7.15
N GLN B 96 -24.49 5.06 7.18
CA GLN B 96 -25.26 4.64 8.37
C GLN B 96 -25.20 3.11 8.49
N GLU B 97 -25.31 2.39 7.40
CA GLU B 97 -25.28 0.89 7.35
C GLU B 97 -23.87 0.44 7.76
N ILE B 98 -22.81 1.11 7.27
CA ILE B 98 -21.41 0.70 7.56
C ILE B 98 -21.20 0.94 9.06
N THR B 99 -21.72 2.04 9.59
CA THR B 99 -21.57 2.34 11.04
C THR B 99 -22.24 1.23 11.86
N GLU B 100 -23.41 0.76 11.45
CA GLU B 100 -24.14 -0.33 12.14
C GLU B 100 -23.28 -1.58 12.07
N TYR B 101 -22.71 -1.90 10.91
CA TYR B 101 -21.84 -3.08 10.79
C TYR B 101 -20.62 -2.95 11.74
N ALA B 102 -20.02 -1.77 11.80
CA ALA B 102 -18.83 -1.49 12.61
C ALA B 102 -19.13 -1.81 14.08
N LYS B 103 -20.33 -1.45 14.54
CA LYS B 103 -20.71 -1.68 15.96
C LYS B 103 -20.72 -3.17 16.27
N SER B 104 -20.86 -4.05 15.28
CA SER B 104 -20.94 -5.52 15.49
C SER B 104 -19.55 -6.14 15.61
N ILE B 105 -18.50 -5.41 15.22
CA ILE B 105 -17.11 -5.94 15.24
C ILE B 105 -16.67 -5.96 16.69
N PRO B 106 -16.34 -7.13 17.25
CA PRO B 106 -15.95 -7.24 18.66
C PRO B 106 -14.81 -6.28 19.03
N GLY B 107 -15.06 -5.43 20.03
CA GLY B 107 -14.07 -4.48 20.55
C GLY B 107 -14.21 -3.09 19.99
N PHE B 108 -14.89 -2.90 18.86
CA PHE B 108 -15.01 -1.58 18.21
C PHE B 108 -15.72 -0.59 19.14
N VAL B 109 -16.86 -0.95 19.70
CA VAL B 109 -17.60 0.08 20.53
C VAL B 109 -16.86 0.30 21.86
N ASN B 110 -15.87 -0.51 22.22
CA ASN B 110 -15.10 -0.26 23.46
C ASN B 110 -13.93 0.68 23.20
N LEU B 111 -13.63 1.05 21.95
CA LEU B 111 -12.60 2.07 21.64
C LEU B 111 -13.10 3.44 22.09
N ASP B 112 -12.17 4.37 22.27
CA ASP B 112 -12.47 5.82 22.36
C ASP B 112 -13.47 6.21 21.25
N LEU B 113 -14.52 6.95 21.61
CA LEU B 113 -15.60 7.30 20.65
C LEU B 113 -15.01 8.13 19.51
N ASN B 114 -14.11 9.06 19.84
CA ASN B 114 -13.47 9.94 18.84
C ASN B 114 -12.73 9.06 17.83
N ASP B 115 -12.09 8.01 18.29
CA ASP B 115 -11.38 7.08 17.36
C ASP B 115 -12.38 6.26 16.54
N GLN B 116 -13.49 5.77 17.12
CA GLN B 116 -14.60 5.15 16.34
C GLN B 116 -14.95 6.08 15.15
N VAL B 117 -15.18 7.36 15.45
CA VAL B 117 -15.60 8.33 14.43
C VAL B 117 -14.51 8.47 13.36
N THR B 118 -13.26 8.61 13.77
CA THR B 118 -12.11 8.79 12.85
C THR B 118 -11.99 7.55 11.94
N LEU B 119 -12.14 6.37 12.50
CA LEU B 119 -12.00 5.11 11.71
C LEU B 119 -13.08 5.10 10.63
N LEU B 120 -14.30 5.44 10.99
CA LEU B 120 -15.43 5.40 10.03
C LEU B 120 -15.25 6.53 9.03
N LYS B 121 -14.90 7.75 9.46
CA LYS B 121 -14.72 8.92 8.57
C LYS B 121 -13.71 8.59 7.44
N TYR B 122 -12.57 7.98 7.80
CA TYR B 122 -11.51 7.68 6.81
C TYR B 122 -11.70 6.31 6.14
N GLY B 123 -12.64 5.48 6.60
CA GLY B 123 -12.81 4.12 6.07
C GLY B 123 -13.99 4.01 5.13
N VAL B 124 -14.96 4.90 5.21
CA VAL B 124 -16.24 4.63 4.48
C VAL B 124 -16.06 4.59 2.96
N HIS B 125 -15.25 5.42 2.31
CA HIS B 125 -15.08 5.32 0.83
C HIS B 125 -14.43 3.98 0.46
N GLU B 126 -13.38 3.57 1.17
CA GLU B 126 -12.72 2.28 0.89
C GLU B 126 -13.76 1.15 0.95
N ILE B 127 -14.62 1.20 1.97
CA ILE B 127 -15.66 0.17 2.13
C ILE B 127 -16.69 0.28 1.03
N ILE B 128 -17.24 1.48 0.79
CA ILE B 128 -18.23 1.62 -0.31
C ILE B 128 -17.67 1.04 -1.62
N TYR B 129 -16.41 1.32 -2.01
CA TYR B 129 -15.89 0.91 -3.33
C TYR B 129 -15.53 -0.58 -3.33
N THR B 130 -15.20 -1.16 -2.19
CA THR B 130 -15.06 -2.62 -2.05
C THR B 130 -16.43 -3.23 -2.30
N MET B 131 -17.47 -2.78 -1.60
CA MET B 131 -18.80 -3.41 -1.69
C MET B 131 -19.44 -3.16 -3.05
N LEU B 132 -19.18 -2.00 -3.67
CA LEU B 132 -19.74 -1.65 -4.99
C LEU B 132 -19.27 -2.69 -6.01
N ALA B 133 -18.06 -3.25 -5.87
CA ALA B 133 -17.55 -4.23 -6.83
C ALA B 133 -18.50 -5.43 -6.90
N SER B 134 -19.12 -5.83 -5.78
CA SER B 134 -20.09 -6.95 -5.71
C SER B 134 -21.25 -6.72 -6.69
N LEU B 135 -21.61 -5.45 -6.94
CA LEU B 135 -22.74 -5.06 -7.80
C LEU B 135 -22.31 -4.76 -9.25
N MET B 136 -21.03 -4.88 -9.57
CA MET B 136 -20.50 -4.48 -10.88
C MET B 136 -20.06 -5.71 -11.69
N ASN B 137 -20.23 -5.63 -13.00
CA ASN B 137 -19.35 -6.38 -13.93
C ASN B 137 -18.76 -5.40 -14.94
N LYS B 138 -17.99 -5.89 -15.90
CA LYS B 138 -17.23 -5.00 -16.81
C LYS B 138 -18.20 -4.13 -17.61
N ASP B 139 -19.50 -4.45 -17.68
CA ASP B 139 -20.48 -3.71 -18.54
C ASP B 139 -21.39 -2.77 -17.76
N GLY B 140 -21.48 -2.87 -16.42
CA GLY B 140 -22.36 -1.97 -15.68
C GLY B 140 -22.55 -2.35 -14.23
N VAL B 141 -23.50 -1.67 -13.59
CA VAL B 141 -23.68 -1.75 -12.13
C VAL B 141 -25.18 -1.88 -11.81
N LEU B 142 -25.50 -2.80 -10.93
CA LEU B 142 -26.86 -2.92 -10.36
C LEU B 142 -27.19 -1.70 -9.50
N ILE B 143 -28.40 -1.18 -9.64
CA ILE B 143 -28.89 -0.04 -8.82
C ILE B 143 -30.27 -0.39 -8.26
N SER B 144 -30.77 0.42 -7.33
CA SER B 144 -32.12 0.30 -6.73
C SER B 144 -32.33 -1.14 -6.28
N GLU B 145 -31.45 -1.62 -5.39
CA GLU B 145 -31.49 -2.96 -4.77
C GLU B 145 -31.75 -4.00 -5.86
N GLY B 146 -31.07 -3.88 -7.01
CA GLY B 146 -31.02 -4.92 -8.05
C GLY B 146 -32.09 -4.77 -9.10
N GLN B 147 -32.96 -3.76 -9.02
CA GLN B 147 -34.11 -3.57 -9.95
C GLN B 147 -33.67 -2.90 -11.26
N GLY B 148 -32.53 -2.20 -11.26
CA GLY B 148 -31.98 -1.52 -12.45
C GLY B 148 -30.55 -1.97 -12.70
N PHE B 149 -30.11 -1.87 -13.95
CA PHE B 149 -28.72 -2.10 -14.38
C PHE B 149 -28.28 -0.91 -15.22
N MET B 150 -27.43 -0.04 -14.66
CA MET B 150 -26.94 1.14 -15.38
C MET B 150 -25.66 0.74 -16.10
N THR B 151 -25.61 0.91 -17.41
CA THR B 151 -24.41 0.47 -18.19
C THR B 151 -23.24 1.42 -17.88
N ARG B 152 -22.06 0.84 -17.90
CA ARG B 152 -20.78 1.55 -17.80
C ARG B 152 -20.69 2.62 -18.89
N GLU B 153 -21.13 2.29 -20.11
CA GLU B 153 -21.10 3.21 -21.27
C GLU B 153 -22.04 4.38 -21.02
N PHE B 154 -23.23 4.15 -20.49
CA PHE B 154 -24.17 5.24 -20.18
C PHE B 154 -23.53 6.21 -19.18
N LEU B 155 -22.91 5.69 -18.12
CA LEU B 155 -22.30 6.57 -17.09
C LEU B 155 -21.14 7.34 -17.72
N LYS B 156 -20.34 6.72 -18.59
CA LYS B 156 -19.22 7.42 -19.29
C LYS B 156 -19.74 8.54 -20.20
N SER B 157 -21.00 8.47 -20.62
CA SER B 157 -21.66 9.37 -21.61
C SER B 157 -22.14 10.65 -20.93
N LEU B 158 -22.16 10.70 -19.60
CA LEU B 158 -22.56 11.89 -18.83
C LEU B 158 -21.51 12.98 -19.10
N ARG B 159 -21.95 14.22 -19.08
CA ARG B 159 -21.07 15.37 -19.43
C ARG B 159 -19.94 15.43 -18.42
N LYS B 160 -18.77 15.89 -18.84
CA LYS B 160 -17.64 16.07 -17.92
C LYS B 160 -18.05 17.04 -16.83
N PRO B 161 -17.66 16.89 -15.54
CA PRO B 161 -16.75 15.85 -15.08
C PRO B 161 -17.45 14.57 -14.57
N PHE B 162 -18.77 14.45 -14.78
CA PHE B 162 -19.61 13.35 -14.22
C PHE B 162 -19.36 12.05 -14.98
N GLY B 163 -19.02 12.13 -16.26
CA GLY B 163 -18.70 10.99 -17.13
C GLY B 163 -17.51 10.16 -16.65
N ASP B 164 -16.61 10.77 -15.90
CA ASP B 164 -15.36 10.09 -15.45
C ASP B 164 -15.48 9.73 -13.96
N PHE B 165 -16.63 9.96 -13.34
CA PHE B 165 -16.82 9.81 -11.88
C PHE B 165 -16.73 8.33 -11.46
N MET B 166 -17.50 7.45 -12.10
CA MET B 166 -17.56 6.02 -11.72
C MET B 166 -16.55 5.16 -12.48
N GLU B 167 -16.01 5.61 -13.62
CA GLU B 167 -15.15 4.74 -14.46
C GLU B 167 -14.00 4.17 -13.63
N PRO B 168 -13.25 4.89 -12.77
CA PRO B 168 -12.16 4.28 -12.01
C PRO B 168 -12.61 3.16 -11.03
N LYS B 169 -13.86 3.24 -10.58
CA LYS B 169 -14.48 2.24 -9.68
C LYS B 169 -14.72 0.96 -10.48
N PHE B 170 -15.10 1.07 -11.76
CA PHE B 170 -15.29 -0.11 -12.64
C PHE B 170 -13.93 -0.78 -12.85
N GLU B 171 -12.90 0.00 -13.19
CA GLU B 171 -11.55 -0.56 -13.46
C GLU B 171 -11.06 -1.33 -12.22
N PHE B 172 -11.21 -0.74 -11.04
CA PHE B 172 -10.89 -1.39 -9.75
C PHE B 172 -11.73 -2.67 -9.60
N ALA B 173 -13.04 -2.56 -9.80
CA ALA B 173 -14.00 -3.67 -9.57
C ALA B 173 -13.66 -4.86 -10.47
N VAL B 174 -13.32 -4.61 -11.74
CA VAL B 174 -12.99 -5.74 -12.64
C VAL B 174 -11.79 -6.52 -12.09
N LYS B 175 -10.73 -5.84 -11.62
CA LYS B 175 -9.54 -6.52 -11.06
C LYS B 175 -9.89 -7.14 -9.70
N PHE B 176 -10.65 -6.44 -8.86
CA PHE B 176 -11.01 -6.95 -7.52
C PHE B 176 -11.87 -8.21 -7.67
N ASN B 177 -12.85 -8.18 -8.58
CA ASN B 177 -13.75 -9.34 -8.78
C ASN B 177 -12.99 -10.56 -9.28
N ALA B 178 -11.81 -10.39 -9.91
CA ALA B 178 -11.01 -11.55 -10.39
C ALA B 178 -10.50 -12.39 -9.21
N LEU B 179 -10.51 -11.87 -7.97
CA LEU B 179 -10.15 -12.66 -6.76
C LEU B 179 -11.26 -13.65 -6.38
N GLU B 180 -12.48 -13.48 -6.90
CA GLU B 180 -13.65 -14.39 -6.71
C GLU B 180 -13.95 -14.53 -5.22
N LEU B 181 -13.87 -13.43 -4.46
CA LEU B 181 -14.25 -13.50 -3.04
C LEU B 181 -15.76 -13.68 -2.90
N ASP B 182 -16.17 -14.24 -1.76
CA ASP B 182 -17.62 -14.29 -1.47
C ASP B 182 -17.91 -13.41 -0.26
N ASP B 183 -19.19 -13.34 0.11
CA ASP B 183 -19.68 -12.51 1.25
C ASP B 183 -18.92 -12.85 2.55
N SER B 184 -18.63 -14.12 2.80
N SER B 184 -18.70 -14.13 2.81
CA SER B 184 -17.97 -14.59 4.05
CA SER B 184 -17.98 -14.58 4.03
C SER B 184 -16.49 -14.15 4.10
C SER B 184 -16.59 -13.93 4.07
N ASP B 185 -15.85 -13.99 2.95
CA ASP B 185 -14.49 -13.38 2.87
C ASP B 185 -14.65 -11.85 3.00
N LEU B 186 -15.62 -11.28 2.31
CA LEU B 186 -15.74 -9.78 2.27
C LEU B 186 -16.08 -9.25 3.66
N ALA B 187 -16.95 -9.91 4.41
CA ALA B 187 -17.34 -9.43 5.76
C ALA B 187 -16.06 -9.20 6.59
N ILE B 188 -15.12 -10.12 6.54
CA ILE B 188 -13.89 -9.97 7.38
C ILE B 188 -12.99 -8.88 6.79
N PHE B 189 -12.77 -8.88 5.48
CA PHE B 189 -11.95 -7.85 4.79
C PHE B 189 -12.47 -6.45 5.14
N ILE B 190 -13.77 -6.25 5.11
CA ILE B 190 -14.35 -4.92 5.40
C ILE B 190 -14.04 -4.57 6.86
N ALA B 191 -14.15 -5.53 7.78
CA ALA B 191 -13.78 -5.29 9.19
C ALA B 191 -12.30 -4.90 9.31
N VAL B 192 -11.41 -5.58 8.59
CA VAL B 192 -9.98 -5.26 8.57
C VAL B 192 -9.80 -3.80 8.13
N ILE B 193 -10.49 -3.36 7.08
CA ILE B 193 -10.39 -1.98 6.55
C ILE B 193 -10.85 -1.01 7.65
N ILE B 194 -11.95 -1.30 8.31
CA ILE B 194 -12.45 -0.37 9.38
C ILE B 194 -11.38 -0.20 10.47
N LEU B 195 -10.78 -1.27 10.93
CA LEU B 195 -9.80 -1.25 12.04
C LEU B 195 -8.40 -0.89 11.49
N SER B 196 -8.26 0.22 10.76
CA SER B 196 -6.96 0.67 10.20
C SER B 196 -6.29 1.67 11.17
N GLY B 197 -5.20 1.25 11.80
CA GLY B 197 -4.45 2.04 12.81
C GLY B 197 -3.69 3.23 12.24
N ASP B 198 -3.66 3.42 10.91
CA ASP B 198 -2.88 4.48 10.24
C ASP B 198 -3.79 5.66 9.89
N ARG B 199 -5.05 5.71 10.32
CA ARG B 199 -5.89 6.86 9.96
C ARG B 199 -5.35 8.10 10.67
N PRO B 200 -5.38 9.27 10.00
CA PRO B 200 -4.84 10.51 10.56
C PRO B 200 -5.58 10.92 11.83
N GLY B 201 -4.83 11.25 12.88
CA GLY B 201 -5.38 11.84 14.11
C GLY B 201 -5.92 10.82 15.10
N LEU B 202 -5.78 9.51 14.83
CA LEU B 202 -6.20 8.51 15.84
C LEU B 202 -5.47 8.78 17.17
N LEU B 203 -6.18 8.61 18.29
CA LEU B 203 -5.63 8.89 19.64
C LEU B 203 -4.95 7.64 20.17
N ASN B 204 -5.55 6.46 20.00
CA ASN B 204 -5.06 5.22 20.64
C ASN B 204 -4.90 4.14 19.56
N VAL B 205 -3.73 4.09 18.94
CA VAL B 205 -3.48 3.23 17.74
C VAL B 205 -3.41 1.77 18.20
N LYS B 206 -2.77 1.47 19.32
CA LYS B 206 -2.48 0.05 19.68
C LYS B 206 -3.75 -0.79 19.83
N PRO B 207 -4.79 -0.32 20.55
CA PRO B 207 -6.02 -1.12 20.68
C PRO B 207 -6.69 -1.41 19.32
N ILE B 208 -6.52 -0.52 18.34
CA ILE B 208 -7.08 -0.69 16.98
C ILE B 208 -6.29 -1.80 16.28
N GLU B 209 -4.97 -1.70 16.33
CA GLU B 209 -4.06 -2.66 15.67
C GLU B 209 -4.25 -4.04 16.28
N ASP B 210 -4.51 -4.14 17.59
CA ASP B 210 -4.78 -5.43 18.28
C ASP B 210 -6.05 -6.08 17.71
N ILE B 211 -7.11 -5.30 17.50
CA ILE B 211 -8.34 -5.86 16.87
C ILE B 211 -8.05 -6.25 15.43
N GLN B 212 -7.36 -5.39 14.66
CA GLN B 212 -7.05 -5.66 13.24
C GLN B 212 -6.26 -6.97 13.16
N ASP B 213 -5.35 -7.20 14.10
CA ASP B 213 -4.48 -8.42 14.01
C ASP B 213 -5.35 -9.66 14.15
N ASN B 214 -6.31 -9.60 15.06
CA ASN B 214 -7.26 -10.71 15.28
C ASN B 214 -8.14 -10.89 14.04
N LEU B 215 -8.60 -9.82 13.38
CA LEU B 215 -9.40 -9.92 12.14
C LEU B 215 -8.53 -10.46 11.01
N LEU B 216 -7.27 -10.06 10.91
CA LEU B 216 -6.36 -10.56 9.84
C LEU B 216 -6.15 -12.05 10.05
N GLN B 217 -5.96 -12.49 11.28
CA GLN B 217 -5.87 -13.96 11.58
C GLN B 217 -7.12 -14.70 11.09
N ALA B 218 -8.31 -14.18 11.37
CA ALA B 218 -9.61 -14.77 10.93
C ALA B 218 -9.71 -14.77 9.40
N LEU B 219 -9.27 -13.69 8.75
CA LEU B 219 -9.31 -13.57 7.27
C LEU B 219 -8.35 -14.61 6.66
N GLU B 220 -7.15 -14.74 7.19
CA GLU B 220 -6.14 -15.69 6.69
C GLU B 220 -6.75 -17.11 6.71
N LEU B 221 -7.33 -17.50 7.84
CA LEU B 221 -7.88 -18.87 8.01
C LEU B 221 -9.08 -19.04 7.08
N GLN B 222 -9.93 -18.03 6.99
CA GLN B 222 -11.11 -18.05 6.09
C GLN B 222 -10.65 -18.26 4.65
N LEU B 223 -9.59 -17.57 4.21
CA LEU B 223 -9.18 -17.71 2.79
C LEU B 223 -8.52 -19.08 2.55
N LYS B 224 -7.76 -19.60 3.51
CA LYS B 224 -7.13 -20.94 3.39
C LYS B 224 -8.23 -22.00 3.30
N LEU B 225 -9.31 -21.87 4.07
CA LEU B 225 -10.43 -22.86 4.08
C LEU B 225 -11.34 -22.68 2.86
N ASN B 226 -11.71 -21.45 2.50
CA ASN B 226 -12.69 -21.19 1.43
C ASN B 226 -12.01 -21.25 0.05
N HIS B 227 -10.70 -20.99 -0.05
CA HIS B 227 -9.98 -20.89 -1.35
C HIS B 227 -8.68 -21.67 -1.29
N PRO B 228 -8.74 -22.98 -0.96
CA PRO B 228 -7.51 -23.74 -0.73
C PRO B 228 -6.55 -23.73 -1.94
N GLU B 229 -7.10 -23.67 -3.14
CA GLU B 229 -6.31 -23.76 -4.40
C GLU B 229 -5.88 -22.37 -4.88
N SER B 230 -6.19 -21.28 -4.19
CA SER B 230 -5.89 -19.90 -4.65
C SER B 230 -4.62 -19.40 -3.96
N SER B 231 -3.51 -19.45 -4.72
CA SER B 231 -2.12 -19.24 -4.23
C SER B 231 -1.99 -17.79 -3.76
N GLN B 232 -1.62 -17.61 -2.50
CA GLN B 232 -1.25 -16.28 -1.96
C GLN B 232 -2.46 -15.35 -2.10
N LEU B 233 -3.68 -15.88 -2.05
CA LEU B 233 -4.91 -15.04 -2.12
C LEU B 233 -4.90 -14.01 -0.97
N PHE B 234 -4.48 -14.40 0.23
CA PHE B 234 -4.39 -13.47 1.39
C PHE B 234 -3.56 -12.25 0.98
N ALA B 235 -2.37 -12.50 0.45
CA ALA B 235 -1.43 -11.42 0.04
C ALA B 235 -2.03 -10.60 -1.10
N LYS B 236 -2.62 -11.27 -2.09
CA LYS B 236 -3.20 -10.59 -3.27
CA LYS B 236 -3.19 -10.58 -3.27
C LYS B 236 -4.34 -9.67 -2.80
N LEU B 237 -5.12 -10.12 -1.83
CA LEU B 237 -6.24 -9.32 -1.29
C LEU B 237 -5.68 -8.10 -0.56
N LEU B 238 -4.72 -8.29 0.33
CA LEU B 238 -4.11 -7.16 1.07
C LEU B 238 -3.47 -6.16 0.10
N GLN B 239 -2.88 -6.63 -1.00
CA GLN B 239 -2.23 -5.76 -2.03
C GLN B 239 -3.29 -4.86 -2.68
N LYS B 240 -4.56 -5.31 -2.74
CA LYS B 240 -5.67 -4.53 -3.34
C LYS B 240 -5.90 -3.22 -2.57
N MET B 241 -5.44 -3.10 -1.33
CA MET B 241 -5.46 -1.81 -0.60
C MET B 241 -4.78 -0.70 -1.40
N THR B 242 -3.78 -1.03 -2.22
CA THR B 242 -3.04 -0.01 -3.02
C THR B 242 -4.02 0.61 -4.02
N ASP B 243 -4.70 -0.25 -4.78
CA ASP B 243 -5.68 0.11 -5.83
C ASP B 243 -6.81 0.88 -5.14
N LEU B 244 -7.24 0.40 -3.97
CA LEU B 244 -8.43 0.95 -3.27
C LEU B 244 -8.12 2.36 -2.75
N ARG B 245 -6.96 2.52 -2.10
CA ARG B 245 -6.53 3.85 -1.59
C ARG B 245 -6.32 4.84 -2.74
N GLN B 246 -5.82 4.41 -3.88
CA GLN B 246 -5.64 5.27 -5.10
C GLN B 246 -7.02 5.69 -5.59
N ILE B 247 -7.98 4.76 -5.66
CA ILE B 247 -9.40 5.07 -6.00
C ILE B 247 -9.90 6.16 -5.09
N VAL B 248 -9.69 6.03 -3.79
CA VAL B 248 -10.26 7.00 -2.79
C VAL B 248 -9.55 8.35 -2.93
N THR B 249 -8.22 8.34 -3.04
CA THR B 249 -7.47 9.60 -3.31
C THR B 249 -8.12 10.32 -4.49
N GLU B 250 -8.28 9.64 -5.62
CA GLU B 250 -8.84 10.24 -6.86
C GLU B 250 -10.27 10.71 -6.62
N HIS B 251 -11.07 9.90 -5.92
CA HIS B 251 -12.49 10.23 -5.61
C HIS B 251 -12.56 11.52 -4.80
N VAL B 252 -11.74 11.67 -3.74
CA VAL B 252 -11.72 12.88 -2.88
C VAL B 252 -11.40 14.08 -3.77
N GLN B 253 -10.45 13.93 -4.72
CA GLN B 253 -10.06 15.02 -5.68
C GLN B 253 -11.30 15.35 -6.53
N LEU B 254 -11.93 14.36 -7.16
CA LEU B 254 -13.16 14.58 -7.99
C LEU B 254 -14.25 15.29 -7.19
N LEU B 255 -14.58 14.87 -5.97
CA LEU B 255 -15.57 15.58 -5.11
C LEU B 255 -15.17 17.06 -4.96
N GLN B 256 -13.89 17.34 -4.73
CA GLN B 256 -13.47 18.75 -4.48
C GLN B 256 -13.68 19.56 -5.78
N VAL B 257 -13.38 19.00 -6.94
CA VAL B 257 -13.64 19.68 -8.25
C VAL B 257 -15.14 19.97 -8.39
N ILE B 258 -15.99 18.97 -8.10
CA ILE B 258 -17.46 19.14 -8.23
C ILE B 258 -17.94 20.21 -7.26
N LYS B 259 -17.46 20.18 -6.03
CA LYS B 259 -17.85 21.17 -4.98
C LYS B 259 -17.52 22.59 -5.48
N LYS B 260 -16.31 22.79 -6.00
CA LYS B 260 -15.78 24.14 -6.35
C LYS B 260 -16.29 24.62 -7.72
N THR B 261 -16.73 23.75 -8.62
CA THR B 261 -17.01 24.15 -10.03
C THR B 261 -18.48 23.91 -10.43
N GLU B 262 -19.30 23.24 -9.62
CA GLU B 262 -20.70 22.92 -10.01
C GLU B 262 -21.67 23.67 -9.09
N GLY C 7 16.06 10.77 -16.74
CA GLY C 7 17.41 10.12 -16.85
C GLY C 7 17.48 8.78 -16.13
N LEU C 8 16.50 8.48 -15.26
CA LEU C 8 16.36 7.20 -14.51
C LEU C 8 16.48 5.99 -15.44
N GLU C 9 15.71 5.97 -16.53
CA GLU C 9 15.67 4.83 -17.49
C GLU C 9 17.05 4.63 -18.12
N ALA C 10 17.73 5.73 -18.45
CA ALA C 10 19.08 5.69 -19.08
C ALA C 10 20.05 4.95 -18.15
N ILE C 11 20.07 5.34 -16.88
CA ILE C 11 20.95 4.67 -15.87
C ILE C 11 20.55 3.19 -15.76
N ILE C 12 19.25 2.87 -15.74
CA ILE C 12 18.76 1.45 -15.60
C ILE C 12 19.20 0.62 -16.81
N ARG C 13 18.87 1.06 -18.03
CA ARG C 13 19.27 0.32 -19.27
C ARG C 13 20.79 0.17 -19.26
N LYS C 14 21.51 1.26 -19.00
CA LYS C 14 22.99 1.24 -18.84
C LYS C 14 23.36 0.12 -17.85
N ALA C 15 22.82 0.13 -16.63
CA ALA C 15 23.19 -0.84 -15.57
C ALA C 15 22.73 -2.27 -15.95
N LEU C 16 21.65 -2.45 -16.72
CA LEU C 16 21.16 -3.82 -17.09
C LEU C 16 22.10 -4.48 -18.10
N MET C 17 22.63 -3.74 -19.09
CA MET C 17 23.38 -4.33 -20.25
C MET C 17 24.87 -4.37 -19.92
N GLY D 7 -21.77 17.21 8.59
CA GLY D 7 -21.55 16.36 7.38
C GLY D 7 -21.14 14.96 7.78
N LEU D 8 -20.14 14.39 7.11
CA LEU D 8 -19.71 12.97 7.28
C LEU D 8 -19.61 12.64 8.77
N GLU D 9 -18.89 13.45 9.53
CA GLU D 9 -18.67 13.20 10.98
C GLU D 9 -20.01 13.23 11.73
N ALA D 10 -20.89 14.20 11.43
CA ALA D 10 -22.20 14.32 12.13
C ALA D 10 -23.05 13.07 11.83
N ILE D 11 -23.03 12.59 10.59
CA ILE D 11 -23.85 11.41 10.18
C ILE D 11 -23.32 10.23 11.00
N ILE D 12 -22.00 10.13 11.11
CA ILE D 12 -21.38 8.98 11.84
C ILE D 12 -21.74 9.07 13.31
N ARG D 13 -21.59 10.23 13.96
CA ARG D 13 -21.88 10.32 15.42
C ARG D 13 -23.33 9.92 15.68
N LYS D 14 -24.27 10.38 14.85
CA LYS D 14 -25.73 10.10 15.02
C LYS D 14 -25.94 8.60 14.93
N ALA D 15 -25.37 7.97 13.90
CA ALA D 15 -25.50 6.50 13.69
C ALA D 15 -24.91 5.73 14.87
N LEU D 16 -23.76 6.11 15.42
CA LEU D 16 -23.11 5.40 16.57
C LEU D 16 -24.03 5.40 17.81
N MET D 17 -24.66 6.54 18.13
CA MET D 17 -25.69 6.64 19.20
C MET D 17 -26.88 5.70 18.91
N GLY D 18 -27.46 5.77 17.70
CA GLY D 18 -28.52 4.85 17.23
C GLY D 18 -29.70 4.77 18.17
#